data_2JCG
#
_entry.id   2JCG
#
_cell.length_a   74.450
_cell.length_b   74.450
_cell.length_c   238.840
_cell.angle_alpha   90.00
_cell.angle_beta   90.00
_cell.angle_gamma   120.00
#
_symmetry.space_group_name_H-M   'P 61 2 2'
#
loop_
_entity.id
_entity.type
_entity.pdbx_description
1 polymer 'GLUCOSE-RESISTANCE AMYLASE REGULATOR'
2 non-polymer 'CALCIUM ION'
3 water water
#
_entity_poly.entity_id   1
_entity_poly.type   'polypeptide(L)'
_entity_poly.pdbx_seq_one_letter_code
;MNVTIYDVAREASVSMATVSRVVNGNPNVKPSTRKKVLETIERLGYRPNAVARGLASKKTTTVGVIIPDISNIFYAELAR
GIEDIASMYKYNIILSNSDQNQDKQLHLLNNMLGKQVDGIIFMSGNVTEEHVEELKKSPVPVVLAASIESTNQIPSVTID
YEQAAFDAVQSLIDSGHKNIAFVSGTLEEPINHAKKVKGYKRALTESGLPVRDSYIVEGDYTYDSGIEAVEKLLEEDEKP
TAIFVGTDEMALGVIHGAQDRGLNVPNDLEIIGFDNTRLSTMVRPQLTSVVQPMYDIGAVAMRLLTKYMNKETVDSSIVE
LPHRIEFRQSTK
;
_entity_poly.pdbx_strand_id   A
#
loop_
_chem_comp.id
_chem_comp.type
_chem_comp.name
_chem_comp.formula
CA non-polymer 'CALCIUM ION' 'Ca 2'
#
# COMPACT_ATOMS: atom_id res chain seq x y z
N VAL A 3 -11.77 17.20 -22.24
CA VAL A 3 -11.15 18.48 -22.70
C VAL A 3 -12.24 19.51 -22.95
N THR A 4 -12.22 20.60 -22.19
CA THR A 4 -13.23 21.65 -22.35
C THR A 4 -12.62 23.03 -22.42
N ILE A 5 -13.47 24.05 -22.61
CA ILE A 5 -13.02 25.45 -22.66
C ILE A 5 -12.09 25.75 -21.48
N TYR A 6 -12.53 25.37 -20.28
CA TYR A 6 -11.75 25.47 -19.05
C TYR A 6 -10.33 24.89 -19.15
N ASP A 7 -10.20 23.72 -19.77
CA ASP A 7 -8.92 23.04 -19.92
C ASP A 7 -7.99 23.78 -20.87
N VAL A 8 -8.59 24.42 -21.88
CA VAL A 8 -7.86 25.18 -22.88
C VAL A 8 -7.36 26.47 -22.27
N ALA A 9 -8.23 27.09 -21.47
CA ALA A 9 -7.94 28.35 -20.81
C ALA A 9 -6.75 28.24 -19.86
N ARG A 10 -6.82 27.27 -18.94
CA ARG A 10 -5.72 26.98 -18.03
C ARG A 10 -4.41 26.77 -18.81
N GLU A 11 -4.49 25.98 -19.86
CA GLU A 11 -3.34 25.61 -20.69
C GLU A 11 -2.81 26.78 -21.52
N ALA A 12 -3.71 27.66 -21.97
CA ALA A 12 -3.34 28.83 -22.76
C ALA A 12 -3.14 30.08 -21.90
N SER A 13 -3.14 29.90 -20.57
CA SER A 13 -2.95 31.01 -19.61
C SER A 13 -3.78 32.23 -19.99
N VAL A 14 -5.09 32.03 -19.97
CA VAL A 14 -6.06 32.92 -20.58
C VAL A 14 -7.42 32.59 -19.94
N SER A 15 -8.41 33.47 -20.07
CA SER A 15 -9.75 33.24 -19.50
C SER A 15 -10.64 32.38 -20.43
N MET A 16 -11.63 31.68 -19.84
CA MET A 16 -12.67 30.97 -20.60
C MET A 16 -13.29 31.91 -21.64
N ALA A 17 -13.61 33.13 -21.22
CA ALA A 17 -14.21 34.11 -22.11
C ALA A 17 -13.31 34.42 -23.33
N THR A 18 -12.00 34.54 -23.10
CA THR A 18 -11.04 34.68 -24.20
C THR A 18 -11.06 33.46 -25.12
N VAL A 19 -11.05 32.25 -24.53
CA VAL A 19 -11.07 31.04 -25.35
C VAL A 19 -12.32 31.03 -26.20
N SER A 20 -13.46 31.36 -25.59
CA SER A 20 -14.71 31.47 -26.35
C SER A 20 -14.61 32.50 -27.46
N ARG A 21 -13.96 33.63 -27.17
CA ARG A 21 -13.79 34.73 -28.10
C ARG A 21 -13.02 34.22 -29.31
N VAL A 22 -11.94 33.48 -29.05
CA VAL A 22 -11.13 32.91 -30.12
C VAL A 22 -11.94 31.85 -30.87
N VAL A 23 -12.71 31.06 -30.13
CA VAL A 23 -13.51 30.01 -30.74
C VAL A 23 -14.54 30.61 -31.69
N ASN A 24 -15.08 31.77 -31.30
CA ASN A 24 -16.14 32.41 -32.04
C ASN A 24 -15.61 33.29 -33.16
N GLY A 25 -14.29 33.32 -33.27
CA GLY A 25 -13.63 34.11 -34.31
C GLY A 25 -13.77 35.59 -34.08
N ASN A 26 -13.90 36.01 -32.82
CA ASN A 26 -13.86 37.42 -32.46
C ASN A 26 -12.63 38.05 -33.09
N PRO A 27 -12.83 39.13 -33.88
CA PRO A 27 -11.76 39.74 -34.69
C PRO A 27 -10.84 40.70 -33.93
N ASN A 28 -11.16 41.03 -32.69
CA ASN A 28 -10.35 41.96 -31.91
C ASN A 28 -9.47 41.31 -30.85
N VAL A 29 -9.40 39.98 -30.88
CA VAL A 29 -8.45 39.29 -30.04
C VAL A 29 -7.06 39.49 -30.61
N LYS A 30 -6.11 39.85 -29.74
CA LYS A 30 -4.71 39.99 -30.12
C LYS A 30 -4.25 38.76 -30.94
N PRO A 31 -3.73 38.98 -32.15
CA PRO A 31 -3.37 37.85 -32.99
C PRO A 31 -2.56 36.80 -32.24
N SER A 32 -1.61 37.24 -31.41
CA SER A 32 -0.72 36.33 -30.71
C SER A 32 -1.51 35.47 -29.71
N THR A 33 -2.39 36.08 -28.93
CA THR A 33 -3.21 35.26 -28.09
C THR A 33 -4.17 34.36 -28.88
N ARG A 34 -4.70 34.84 -30.01
CA ARG A 34 -5.48 33.96 -30.87
C ARG A 34 -4.59 32.80 -31.35
N LYS A 35 -3.34 33.09 -31.68
CA LYS A 35 -2.47 32.03 -32.16
C LYS A 35 -2.26 31.03 -31.04
N LYS A 36 -1.91 31.56 -29.87
CA LYS A 36 -1.62 30.79 -28.67
C LYS A 36 -2.76 29.82 -28.37
N VAL A 37 -4.00 30.32 -28.32
CA VAL A 37 -5.14 29.45 -28.01
C VAL A 37 -5.55 28.48 -29.11
N LEU A 38 -5.41 28.85 -30.38
CA LEU A 38 -5.65 27.89 -31.45
C LEU A 38 -4.71 26.69 -31.38
N GLU A 39 -3.45 26.95 -31.06
CA GLU A 39 -2.47 25.88 -30.89
C GLU A 39 -2.83 25.00 -29.69
N THR A 40 -3.35 25.65 -28.65
CA THR A 40 -3.80 24.95 -27.46
C THR A 40 -5.02 24.10 -27.81
N ILE A 41 -5.96 24.71 -28.52
CA ILE A 41 -7.15 24.03 -29.02
C ILE A 41 -6.78 22.78 -29.83
N GLU A 42 -5.85 22.94 -30.77
CA GLU A 42 -5.40 21.82 -31.58
C GLU A 42 -4.65 20.76 -30.75
N ARG A 43 -3.71 21.19 -29.92
CA ARG A 43 -2.88 20.27 -29.15
C ARG A 43 -3.70 19.39 -28.18
N LEU A 44 -4.69 19.98 -27.54
CA LEU A 44 -5.50 19.25 -26.57
C LEU A 44 -6.58 18.43 -27.25
N GLY A 45 -6.89 18.80 -28.50
CA GLY A 45 -7.96 18.16 -29.25
C GLY A 45 -9.31 18.73 -28.86
N TYR A 46 -9.36 20.03 -28.60
CA TYR A 46 -10.61 20.63 -28.23
C TYR A 46 -11.50 20.88 -29.45
N ARG A 47 -12.73 20.39 -29.39
CA ARG A 47 -13.71 20.65 -30.44
C ARG A 47 -14.67 21.70 -29.90
N PRO A 48 -15.01 22.71 -30.72
CA PRO A 48 -15.94 23.74 -30.24
C PRO A 48 -17.40 23.36 -30.42
N ASN A 49 -17.67 22.10 -30.77
CA ASN A 49 -19.03 21.60 -30.95
C ASN A 49 -19.33 20.51 -29.93
N ALA A 50 -20.42 20.70 -29.18
CA ALA A 50 -20.97 19.69 -28.30
C ALA A 50 -21.36 18.49 -29.15
N VAL A 51 -20.73 17.35 -28.88
CA VAL A 51 -20.59 16.31 -29.88
C VAL A 51 -20.59 14.93 -29.20
N THR A 60 -19.19 6.67 -19.81
CA THR A 60 -17.81 6.30 -19.50
C THR A 60 -17.56 6.24 -17.98
N THR A 61 -16.57 5.45 -17.56
CA THR A 61 -16.37 5.16 -16.13
C THR A 61 -14.92 5.14 -15.67
N THR A 62 -14.57 6.02 -14.72
CA THR A 62 -13.19 6.14 -14.26
C THR A 62 -13.07 5.91 -12.76
N VAL A 63 -11.93 5.35 -12.32
CA VAL A 63 -11.67 5.20 -10.90
C VAL A 63 -10.44 5.98 -10.45
N GLY A 64 -10.53 6.57 -9.27
CA GLY A 64 -9.41 7.25 -8.66
C GLY A 64 -8.59 6.26 -7.84
N VAL A 65 -7.28 6.41 -7.91
CA VAL A 65 -6.37 5.53 -7.17
C VAL A 65 -5.42 6.36 -6.32
N ILE A 66 -5.42 6.10 -5.02
CA ILE A 66 -4.50 6.73 -4.07
C ILE A 66 -3.58 5.70 -3.44
N ILE A 67 -2.29 5.82 -3.69
CA ILE A 67 -1.26 4.96 -3.09
C ILE A 67 -0.07 5.83 -2.69
N PRO A 68 0.70 5.42 -1.66
CA PRO A 68 1.84 6.22 -1.16
C PRO A 68 2.69 6.86 -2.27
N ASP A 69 3.40 6.05 -3.05
CA ASP A 69 4.19 6.59 -4.15
C ASP A 69 4.12 5.73 -5.40
N ILE A 70 4.26 6.39 -6.55
CA ILE A 70 4.42 5.72 -7.85
C ILE A 70 5.65 4.80 -7.86
N SER A 71 6.77 5.34 -7.37
CA SER A 71 8.10 4.77 -7.56
C SER A 71 8.34 3.43 -6.87
N ASN A 72 7.78 3.24 -5.67
CA ASN A 72 8.05 2.04 -4.91
C ASN A 72 7.58 0.77 -5.62
N ILE A 73 8.55 -0.12 -5.88
CA ILE A 73 8.35 -1.34 -6.67
C ILE A 73 7.12 -2.16 -6.27
N PHE A 74 6.82 -2.24 -4.98
CA PHE A 74 5.66 -3.04 -4.56
C PHE A 74 4.33 -2.28 -4.61
N TYR A 75 4.39 -0.97 -4.82
CA TYR A 75 3.20 -0.20 -5.14
C TYR A 75 3.03 -0.19 -6.66
N ALA A 76 4.16 -0.21 -7.35
CA ALA A 76 4.22 -0.17 -8.80
C ALA A 76 3.57 -1.39 -9.42
N GLU A 77 3.66 -3.70 -8.09
CA GLU A 77 2.90 -4.28 -9.19
C GLU A 77 1.39 -4.05 -8.98
N LEU A 78 1.06 -3.34 -7.90
CA LEU A 78 -0.32 -3.11 -7.53
C LEU A 78 -1.02 -2.22 -8.54
N ALA A 79 -0.34 -1.12 -8.90
CA ALA A 79 -0.87 -0.18 -9.87
C ALA A 79 -1.00 -0.81 -11.24
N ARG A 80 -0.08 -1.73 -11.58
CA ARG A 80 -0.14 -2.41 -12.86
C ARG A 80 -1.36 -3.33 -12.87
N GLY A 81 -1.57 -4.05 -11.77
CA GLY A 81 -2.75 -4.90 -11.60
C GLY A 81 -4.03 -4.07 -11.74
N ILE A 82 -4.06 -2.93 -11.07
CA ILE A 82 -5.17 -2.01 -11.24
C ILE A 82 -5.28 -1.63 -12.72
N GLU A 83 -4.16 -1.20 -13.31
CA GLU A 83 -4.12 -0.65 -14.68
C GLU A 83 -4.62 -1.65 -15.72
N ASP A 84 -4.19 -2.90 -15.57
CA ASP A 84 -4.51 -3.92 -16.55
C ASP A 84 -6.00 -4.28 -16.56
N ILE A 85 -6.66 -4.17 -15.42
CA ILE A 85 -8.10 -4.41 -15.37
C ILE A 85 -8.82 -3.20 -15.97
N ALA A 86 -8.29 -2.02 -15.72
CA ALA A 86 -8.81 -0.80 -16.30
C ALA A 86 -8.80 -0.84 -17.84
N SER A 87 -7.70 -1.30 -18.42
CA SER A 87 -7.57 -1.40 -19.88
C SER A 87 -8.61 -2.31 -20.49
N MET A 88 -8.73 -3.51 -19.94
CA MET A 88 -9.72 -4.49 -20.33
C MET A 88 -11.13 -3.93 -20.23
N TYR A 89 -11.41 -3.28 -19.10
CA TYR A 89 -12.75 -2.83 -18.81
C TYR A 89 -13.05 -1.50 -19.50
N LYS A 90 -12.05 -0.96 -20.18
CA LYS A 90 -12.13 0.33 -20.86
C LYS A 90 -12.43 1.49 -19.89
N TYR A 91 -12.00 1.32 -18.64
CA TYR A 91 -12.10 2.38 -17.61
C TYR A 91 -10.79 3.14 -17.55
N ASN A 92 -10.87 4.46 -17.42
CA ASN A 92 -9.65 5.27 -17.26
C ASN A 92 -9.22 5.38 -15.80
N ILE A 93 -7.92 5.48 -15.58
CA ILE A 93 -7.34 5.62 -14.25
C ILE A 93 -6.90 7.05 -13.96
N ILE A 94 -7.32 7.57 -12.82
CA ILE A 94 -6.72 8.76 -12.25
C ILE A 94 -5.99 8.30 -10.99
N LEU A 95 -4.66 8.35 -11.06
CA LEU A 95 -3.78 7.88 -9.98
C LEU A 95 -3.09 9.06 -9.33
N SER A 96 -2.97 9.03 -8.01
CA SER A 96 -2.31 10.09 -7.27
C SER A 96 -1.36 9.53 -6.22
N ASN A 97 -0.10 9.95 -6.29
CA ASN A 97 0.92 9.54 -5.32
C ASN A 97 0.85 10.46 -4.10
N SER A 98 0.61 9.85 -2.93
CA SER A 98 0.22 10.59 -1.73
C SER A 98 1.35 10.88 -0.74
N ASP A 99 2.30 9.95 -0.62
CA ASP A 99 3.31 9.95 0.45
C ASP A 99 2.58 9.73 1.78
N GLN A 100 1.69 8.75 1.77
CA GLN A 100 0.64 8.54 2.79
C GLN A 100 0.78 9.30 4.13
N ASN A 101 0.07 10.42 4.23
CA ASN A 101 -0.09 11.13 5.50
C ASN A 101 -1.54 11.52 5.76
N GLN A 102 -1.88 11.67 7.04
CA GLN A 102 -3.25 11.89 7.51
C GLN A 102 -3.97 13.02 6.76
N ASP A 103 -3.54 14.25 7.02
CA ASP A 103 -4.17 15.45 6.46
C ASP A 103 -3.63 15.83 5.07
N LYS A 104 -3.28 14.82 4.28
CA LYS A 104 -2.83 15.02 2.89
C LYS A 104 -3.26 13.87 1.98
N GLN A 105 -3.62 12.74 2.58
CA GLN A 105 -4.29 11.66 1.85
C GLN A 105 -5.79 11.90 1.87
N LEU A 106 -6.26 12.63 2.89
CA LEU A 106 -7.66 12.99 3.00
C LEU A 106 -8.07 13.98 1.92
N HIS A 107 -7.20 14.96 1.65
CA HIS A 107 -7.44 15.96 0.61
C HIS A 107 -7.37 15.32 -0.78
N LEU A 108 -6.39 14.43 -0.97
CA LEU A 108 -6.24 13.70 -2.23
C LEU A 108 -7.38 12.73 -2.47
N LEU A 109 -8.12 12.43 -1.41
CA LEU A 109 -9.33 11.62 -1.49
C LEU A 109 -10.49 12.46 -2.00
N ASN A 110 -10.66 13.65 -1.43
CA ASN A 110 -11.72 14.56 -1.85
C ASN A 110 -11.40 15.26 -3.18
N ASN A 111 -10.14 15.17 -3.60
CA ASN A 111 -9.73 15.61 -4.94
C ASN A 111 -10.24 14.69 -6.04
N MET A 112 -10.46 13.42 -5.69
CA MET A 112 -11.07 12.43 -6.60
C MET A 112 -12.56 12.73 -6.74
N LEU A 113 -13.21 12.95 -5.60
CA LEU A 113 -14.64 13.29 -5.55
C LEU A 113 -14.97 14.56 -6.33
N GLY A 114 -14.05 15.52 -6.31
CA GLY A 114 -14.21 16.79 -7.04
C GLY A 114 -13.75 16.75 -8.49
N LYS A 115 -13.38 15.57 -8.97
CA LYS A 115 -13.02 15.34 -10.38
C LYS A 115 -13.87 14.26 -11.04
N GLN A 116 -15.01 13.96 -10.40
CA GLN A 116 -16.02 13.03 -10.91
C GLN A 116 -15.50 11.63 -11.23
N VAL A 117 -14.86 11.01 -10.24
CA VAL A 117 -14.48 9.60 -10.31
C VAL A 117 -15.70 8.74 -9.96
N ASP A 118 -15.83 7.60 -10.63
CA ASP A 118 -16.95 6.69 -10.35
C ASP A 118 -16.66 5.75 -9.17
N GLY A 119 -15.40 5.66 -8.76
CA GLY A 119 -14.98 4.80 -7.66
C GLY A 119 -13.58 5.09 -7.17
N ILE A 120 -13.25 4.62 -5.96
CA ILE A 120 -11.93 4.88 -5.38
C ILE A 120 -11.25 3.59 -4.92
N ILE A 121 -10.01 3.40 -5.36
CA ILE A 121 -9.12 2.40 -4.74
C ILE A 121 -8.15 3.16 -3.85
N PHE A 122 -8.10 2.76 -2.59
CA PHE A 122 -7.29 3.44 -1.58
C PHE A 122 -6.24 2.48 -1.04
N MET A 123 -5.04 2.98 -0.83
CA MET A 123 -3.94 2.19 -0.25
C MET A 123 -3.10 3.05 0.68
N SER A 124 -3.00 2.61 1.93
CA SER A 124 -2.19 3.29 2.93
C SER A 124 -1.74 2.29 4.01
N GLY A 125 -0.52 2.51 4.51
CA GLY A 125 0.05 1.67 5.58
C GLY A 125 -0.68 1.85 6.90
N ASN A 126 -0.99 3.10 7.24
CA ASN A 126 -1.84 3.44 8.38
C ASN A 126 -3.17 4.00 7.92
N VAL A 127 -4.21 3.16 7.96
CA VAL A 127 -5.58 3.60 7.70
C VAL A 127 -6.23 4.07 9.02
N THR A 128 -6.41 5.39 9.12
CA THR A 128 -6.96 6.00 10.33
C THR A 128 -8.47 5.82 10.47
N GLU A 129 -8.94 5.85 11.72
CA GLU A 129 -10.38 5.83 12.04
C GLU A 129 -11.08 7.04 11.42
N GLU A 130 -10.34 8.14 11.30
CA GLU A 130 -10.82 9.38 10.68
C GLU A 130 -11.11 9.19 9.19
N HIS A 131 -10.30 8.39 8.51
CA HIS A 131 -10.47 8.10 7.08
C HIS A 131 -11.79 7.36 6.79
N VAL A 132 -12.20 6.49 7.70
CA VAL A 132 -13.42 5.68 7.55
C VAL A 132 -14.70 6.53 7.60
N GLU A 133 -14.71 7.52 8.50
CA GLU A 133 -15.87 8.40 8.67
C GLU A 133 -16.08 9.31 7.45
N GLU A 134 -15.05 9.44 6.63
CA GLU A 134 -15.11 10.25 5.41
C GLU A 134 -15.25 9.36 4.16
N LEU A 135 -14.96 8.07 4.32
CA LEU A 135 -15.14 7.09 3.26
C LEU A 135 -16.60 6.66 3.12
N LYS A 136 -17.32 6.67 4.24
CA LYS A 136 -18.75 6.31 4.27
C LYS A 136 -19.62 7.42 3.64
N LYS A 137 -19.26 8.67 3.91
CA LYS A 137 -19.94 9.83 3.34
C LYS A 137 -19.71 9.96 1.82
N SER A 138 -18.51 9.57 1.38
CA SER A 138 -18.17 9.54 -0.04
C SER A 138 -19.25 8.76 -0.80
N PRO A 139 -19.87 9.39 -1.80
CA PRO A 139 -21.01 8.79 -2.51
C PRO A 139 -20.58 7.56 -3.30
N VAL A 140 -19.54 7.71 -4.11
CA VAL A 140 -19.00 6.60 -4.90
C VAL A 140 -18.35 5.54 -4.00
N PRO A 141 -18.32 4.28 -4.46
CA PRO A 141 -17.84 3.20 -3.61
C PRO A 141 -16.32 3.19 -3.57
N VAL A 142 -15.80 2.73 -2.44
CA VAL A 142 -14.37 2.69 -2.24
C VAL A 142 -13.99 1.32 -1.71
N VAL A 143 -12.81 0.86 -2.12
CA VAL A 143 -12.30 -0.44 -1.71
C VAL A 143 -10.80 -0.32 -1.45
N LEU A 144 -10.39 -0.78 -0.28
CA LEU A 144 -9.00 -0.69 0.15
C LEU A 144 -8.20 -1.79 -0.51
N ALA A 145 -6.99 -1.43 -0.95
CA ALA A 145 -6.04 -2.39 -1.48
C ALA A 145 -4.86 -2.49 -0.50
N ALA A 146 -4.52 -3.72 -0.11
CA ALA A 146 -3.43 -4.00 0.82
C ALA A 146 -3.42 -3.04 2.02
N SER A 147 -4.61 -2.78 2.55
CA SER A 147 -4.81 -1.91 3.70
C SER A 147 -5.96 -2.47 4.50
N ILE A 148 -5.87 -2.39 5.82
CA ILE A 148 -6.92 -2.91 6.67
C ILE A 148 -7.37 -1.90 7.72
N GLU A 149 -8.69 -1.78 7.88
CA GLU A 149 -9.27 -1.06 9.00
C GLU A 149 -9.99 -2.09 9.87
N SER A 150 -9.51 -2.27 11.10
CA SER A 150 -10.05 -3.26 12.03
C SER A 150 -11.58 -3.21 12.12
N THR A 151 -12.13 -2.08 11.70
CA THR A 151 -13.59 -1.86 11.69
C THR A 151 -14.32 -2.76 10.69
N ASN A 152 -13.66 -3.05 9.56
CA ASN A 152 -14.17 -3.98 8.56
C ASN A 152 -15.48 -3.60 7.89
N GLN A 153 -15.83 -2.32 7.97
CA GLN A 153 -17.01 -1.79 7.27
C GLN A 153 -16.67 -1.65 5.79
N ILE A 154 -15.48 -1.10 5.53
CA ILE A 154 -15.06 -0.76 4.17
C ILE A 154 -14.45 -1.96 3.44
N PRO A 155 -14.94 -2.25 2.22
CA PRO A 155 -14.44 -3.36 1.42
C PRO A 155 -12.92 -3.35 1.33
N SER A 156 -12.31 -4.51 1.55
CA SER A 156 -10.86 -4.62 1.51
C SER A 156 -10.43 -5.87 0.77
N VAL A 157 -9.36 -5.74 -0.01
CA VAL A 157 -8.68 -6.89 -0.55
C VAL A 157 -7.21 -6.83 -0.18
N THR A 158 -6.75 -7.90 0.47
CA THR A 158 -5.44 -7.96 1.06
C THR A 158 -5.05 -9.44 1.13
N ILE A 159 -3.88 -9.72 1.71
CA ILE A 159 -3.55 -11.08 2.13
C ILE A 159 -4.17 -11.32 3.49
N ASP A 160 -3.93 -12.52 4.04
CA ASP A 160 -4.32 -12.82 5.39
C ASP A 160 -3.12 -12.56 6.27
N TYR A 161 -3.06 -11.36 6.85
CA TYR A 161 -1.88 -10.95 7.60
C TYR A 161 -1.62 -11.84 8.79
N GLU A 162 -2.70 -12.23 9.47
CA GLU A 162 -2.60 -13.08 10.64
C GLU A 162 -1.99 -14.41 10.21
N GLN A 163 -2.52 -14.99 9.14
CA GLN A 163 -2.04 -16.29 8.65
C GLN A 163 -0.59 -16.19 8.15
N ALA A 164 -0.28 -15.12 7.45
CA ALA A 164 1.05 -14.92 6.91
C ALA A 164 2.07 -14.80 8.03
N ALA A 165 1.68 -14.07 9.08
CA ALA A 165 2.48 -13.98 10.30
C ALA A 165 2.67 -15.38 10.90
N PHE A 166 1.56 -16.12 10.98
CA PHE A 166 1.56 -17.46 11.52
C PHE A 166 2.56 -18.32 10.76
N ASP A 167 2.45 -18.30 9.44
CA ASP A 167 3.30 -19.13 8.59
C ASP A 167 4.80 -18.76 8.71
N ALA A 168 5.09 -17.47 8.84
CA ALA A 168 6.47 -17.02 8.99
C ALA A 168 7.06 -17.57 10.28
N VAL A 169 6.33 -17.42 11.38
CA VAL A 169 6.85 -17.89 12.66
C VAL A 169 6.86 -19.40 12.66
N GLN A 170 5.96 -20.01 11.87
CA GLN A 170 5.88 -21.46 11.82
C GLN A 170 7.18 -22.08 11.29
N SER A 171 7.76 -21.44 10.27
CA SER A 171 8.97 -21.97 9.64
C SER A 171 10.16 -21.89 10.58
N LEU A 172 10.14 -20.90 11.47
CA LEU A 172 11.12 -20.84 12.54
C LEU A 172 10.89 -22.01 13.50
N ILE A 173 9.62 -22.23 13.86
CA ILE A 173 9.27 -23.27 14.80
C ILE A 173 9.67 -24.63 14.21
N ASP A 174 9.33 -24.84 12.94
CA ASP A 174 9.63 -26.09 12.24
C ASP A 174 11.13 -26.37 12.16
N SER A 175 11.91 -25.31 12.31
CA SER A 175 13.36 -25.38 12.23
C SER A 175 14.02 -25.64 13.58
N GLY A 176 13.23 -25.75 14.64
CA GLY A 176 13.72 -26.14 15.96
C GLY A 176 13.79 -25.03 17.01
N HIS A 177 13.52 -23.79 16.60
CA HIS A 177 13.52 -22.67 17.51
C HIS A 177 12.38 -22.68 18.52
N LYS A 178 12.73 -22.59 19.80
CA LYS A 178 11.75 -22.39 20.87
C LYS A 178 11.64 -20.91 21.28
N ASN A 179 12.76 -20.17 21.19
CA ASN A 179 12.76 -18.77 21.61
C ASN A 179 12.72 -17.83 20.43
N ILE A 180 11.52 -17.35 20.13
CA ILE A 180 11.26 -16.61 18.90
C ILE A 180 10.62 -15.29 19.22
N ALA A 181 11.22 -14.22 18.71
CA ALA A 181 10.75 -12.88 18.98
C ALA A 181 10.06 -12.25 17.76
N PHE A 182 9.39 -11.15 18.03
CA PHE A 182 8.69 -10.40 17.02
C PHE A 182 9.07 -8.93 17.16
N VAL A 183 9.61 -8.36 16.09
CA VAL A 183 9.87 -6.92 16.00
C VAL A 183 8.77 -6.29 15.18
N SER A 184 7.97 -5.45 15.83
CA SER A 184 6.78 -4.92 15.20
C SER A 184 6.94 -3.49 14.68
N GLY A 185 6.13 -3.14 13.68
CA GLY A 185 5.88 -1.72 13.41
C GLY A 185 5.00 -1.22 14.54
N THR A 186 4.73 0.07 14.59
CA THR A 186 3.89 0.63 15.67
C THR A 186 2.66 -0.24 15.97
N LEU A 187 2.54 -0.63 17.24
CA LEU A 187 1.51 -1.59 17.66
C LEU A 187 0.08 -1.06 17.51
N GLU A 188 -0.10 0.26 17.57
CA GLU A 188 -1.44 0.86 17.47
C GLU A 188 -2.15 0.51 16.15
N GLU A 189 -1.38 0.34 15.08
CA GLU A 189 -1.91 -0.04 13.77
C GLU A 189 -2.39 -1.51 13.74
N PRO A 190 -3.63 -1.75 13.31
CA PRO A 190 -4.26 -3.07 13.25
C PRO A 190 -3.43 -4.15 12.54
N ILE A 191 -2.83 -3.83 11.39
CA ILE A 191 -1.91 -4.76 10.74
C ILE A 191 -0.97 -5.41 11.78
N ASN A 192 -0.47 -4.60 12.71
CA ASN A 192 0.36 -5.12 13.80
C ASN A 192 -0.45 -5.78 14.93
N HIS A 193 -1.05 -5.01 15.84
CA HIS A 193 -1.67 -5.59 17.04
C HIS A 193 -2.80 -6.60 16.80
N ALA A 194 -3.53 -6.43 15.70
CA ALA A 194 -4.70 -7.24 15.45
C ALA A 194 -4.39 -8.44 14.57
N LYS A 195 -3.30 -8.37 13.81
CA LYS A 195 -3.00 -9.38 12.80
C LYS A 195 -1.64 -10.07 12.99
N LYS A 196 -0.55 -9.33 12.90
CA LYS A 196 0.78 -9.93 12.96
C LYS A 196 1.16 -10.40 14.37
N VAL A 197 0.98 -9.53 15.37
CA VAL A 197 1.12 -9.95 16.77
C VAL A 197 0.34 -11.25 17.05
N LYS A 198 -0.94 -11.26 16.69
CA LYS A 198 -1.79 -12.42 16.96
C LYS A 198 -1.38 -13.65 16.16
N GLY A 199 -0.96 -13.44 14.92
CA GLY A 199 -0.41 -14.52 14.09
C GLY A 199 0.80 -15.13 14.75
N TYR A 200 1.70 -14.26 15.17
CA TYR A 200 2.92 -14.62 15.87
C TYR A 200 2.57 -15.36 17.16
N LYS A 201 1.63 -14.81 17.92
CA LYS A 201 1.21 -15.44 19.16
C LYS A 201 0.67 -16.83 18.89
N ARG A 202 -0.21 -16.94 17.90
CA ARG A 202 -0.89 -18.21 17.63
C ARG A 202 0.11 -19.28 17.25
N ALA A 203 1.03 -18.94 16.34
CA ALA A 203 2.08 -19.86 15.95
C ALA A 203 2.82 -20.39 17.17
N LEU A 204 3.14 -19.51 18.13
CA LEU A 204 3.72 -19.96 19.40
C LEU A 204 2.77 -20.90 20.18
N THR A 205 1.58 -20.42 20.55
CA THR A 205 0.74 -21.24 21.41
C THR A 205 0.44 -22.61 20.78
N GLU A 206 0.15 -22.64 19.47
CA GLU A 206 -0.07 -23.92 18.77
C GLU A 206 1.08 -24.93 18.83
N SER A 207 2.27 -24.50 19.23
CA SER A 207 3.35 -25.47 19.39
C SER A 207 3.76 -25.62 20.85
N GLY A 208 2.91 -25.08 21.73
CA GLY A 208 3.16 -25.12 23.16
C GLY A 208 4.38 -24.31 23.52
N LEU A 209 4.55 -23.17 22.84
CA LEU A 209 5.68 -22.28 23.11
C LEU A 209 5.27 -21.09 23.97
N PRO A 210 6.24 -20.39 24.57
CA PRO A 210 5.81 -19.41 25.54
C PRO A 210 5.62 -18.04 24.87
N VAL A 211 4.52 -17.35 25.19
CA VAL A 211 4.32 -15.99 24.72
C VAL A 211 4.81 -15.02 25.80
N ARG A 212 5.98 -14.45 25.55
CA ARG A 212 6.64 -13.48 26.44
C ARG A 212 6.42 -12.07 25.93
N ASP A 213 5.91 -11.20 26.79
CA ASP A 213 5.79 -9.77 26.45
C ASP A 213 7.12 -9.19 25.95
N SER A 214 8.22 -9.61 26.56
CA SER A 214 9.55 -9.07 26.24
C SER A 214 10.16 -9.60 24.94
N TYR A 215 9.42 -10.42 24.21
CA TYR A 215 9.87 -10.87 22.90
C TYR A 215 9.14 -10.11 21.82
N ILE A 216 8.29 -9.17 22.23
CA ILE A 216 7.58 -8.28 21.32
C ILE A 216 8.09 -6.87 21.54
N VAL A 217 8.92 -6.42 20.61
CA VAL A 217 9.48 -5.08 20.70
C VAL A 217 8.85 -4.26 19.57
N GLU A 218 8.67 -2.97 19.83
CA GLU A 218 7.97 -2.11 18.90
C GLU A 218 8.97 -1.19 18.20
N GLY A 219 9.13 -1.36 16.90
CA GLY A 219 9.93 -0.44 16.09
C GLY A 219 9.01 0.62 15.50
N ASP A 220 9.59 1.50 14.69
CA ASP A 220 8.83 2.58 14.03
C ASP A 220 8.91 2.48 12.49
N TYR A 221 9.10 1.28 11.99
CA TYR A 221 9.32 1.05 10.55
C TYR A 221 10.70 1.50 10.00
N THR A 222 11.52 2.17 10.81
CA THR A 222 12.86 2.54 10.31
C THR A 222 13.86 1.41 10.50
N TYR A 223 14.86 1.40 9.64
CA TYR A 223 16.01 0.52 9.78
C TYR A 223 16.59 0.60 11.19
N ASP A 224 16.76 1.82 11.68
CA ASP A 224 17.42 2.04 12.96
C ASP A 224 16.63 1.42 14.11
N SER A 225 15.31 1.58 14.09
CA SER A 225 14.49 1.04 15.15
C SER A 225 14.66 -0.47 15.15
N GLY A 226 14.89 -1.03 13.97
CA GLY A 226 15.24 -2.44 13.82
C GLY A 226 16.54 -2.73 14.54
N ILE A 227 17.57 -1.90 14.31
CA ILE A 227 18.84 -2.07 15.01
C ILE A 227 18.61 -2.06 16.52
N GLU A 228 17.81 -1.11 17.00
CA GLU A 228 17.57 -0.96 18.43
C GLU A 228 16.82 -2.16 18.96
N ALA A 229 15.95 -2.73 18.13
CA ALA A 229 15.11 -3.82 18.56
C ALA A 229 15.91 -5.11 18.81
N VAL A 230 16.86 -5.45 17.92
CA VAL A 230 17.67 -6.66 18.14
C VAL A 230 18.54 -6.43 19.33
N GLU A 231 19.06 -5.23 19.43
CA GLU A 231 19.90 -4.95 20.56
C GLU A 231 19.13 -5.23 21.85
N LYS A 232 17.89 -4.75 21.94
CA LYS A 232 17.10 -4.94 23.16
C LYS A 232 16.83 -6.42 23.37
N LEU A 233 16.48 -7.11 22.28
CA LEU A 233 16.26 -8.54 22.35
C LEU A 233 17.50 -9.31 22.81
N LEU A 234 18.67 -8.91 22.30
CA LEU A 234 19.92 -9.59 22.68
C LEU A 234 20.36 -9.33 24.11
N GLU A 235 19.67 -8.44 24.79
CA GLU A 235 19.95 -8.12 26.18
C GLU A 235 19.09 -8.96 27.13
N GLU A 236 18.03 -9.54 26.58
CA GLU A 236 17.14 -10.46 27.31
C GLU A 236 17.96 -11.57 28.02
N ASP A 237 17.40 -12.13 29.09
CA ASP A 237 17.97 -13.31 29.75
C ASP A 237 18.13 -14.45 28.74
N GLU A 238 17.04 -15.13 28.40
CA GLU A 238 17.08 -16.16 27.38
C GLU A 238 16.97 -15.43 26.04
N LYS A 239 18.08 -15.32 25.32
CA LYS A 239 18.05 -14.61 24.05
C LYS A 239 17.24 -15.38 23.00
N PRO A 240 16.41 -14.67 22.22
CA PRO A 240 15.75 -15.33 21.10
C PRO A 240 16.78 -15.83 20.11
N THR A 241 16.51 -16.97 19.50
CA THR A 241 17.37 -17.53 18.47
C THR A 241 16.77 -17.33 17.09
N ALA A 242 15.57 -16.73 17.05
CA ALA A 242 14.94 -16.37 15.78
C ALA A 242 14.01 -15.19 15.97
N ILE A 243 13.86 -14.38 14.93
CA ILE A 243 13.09 -13.15 15.01
C ILE A 243 12.28 -12.96 13.77
N PHE A 244 10.97 -12.83 13.96
CA PHE A 244 10.08 -12.34 12.92
C PHE A 244 10.01 -10.82 13.01
N VAL A 245 10.05 -10.20 11.85
CA VAL A 245 10.06 -8.75 11.72
C VAL A 245 8.93 -8.29 10.78
N GLY A 246 8.15 -7.31 11.25
CA GLY A 246 6.91 -6.91 10.57
C GLY A 246 7.06 -6.29 9.19
N THR A 247 8.24 -5.77 8.90
CA THR A 247 8.53 -5.23 7.58
C THR A 247 9.99 -5.42 7.27
N ASP A 248 10.30 -5.40 5.97
CA ASP A 248 11.68 -5.61 5.51
C ASP A 248 12.65 -4.55 6.02
N GLU A 249 12.24 -3.29 6.06
CA GLU A 249 13.20 -2.28 6.43
C GLU A 249 13.75 -2.49 7.83
N MET A 250 12.85 -2.77 8.75
CA MET A 250 13.27 -3.11 10.09
C MET A 250 14.14 -4.36 10.11
N ALA A 251 13.86 -5.31 9.24
CA ALA A 251 14.60 -6.58 9.27
C ALA A 251 16.10 -6.40 8.98
N LEU A 252 16.42 -5.45 8.11
CA LEU A 252 17.80 -5.22 7.76
C LEU A 252 18.48 -4.70 9.01
N GLY A 253 17.80 -3.80 9.69
CA GLY A 253 18.28 -3.29 10.98
C GLY A 253 18.47 -4.43 11.96
N VAL A 254 17.53 -5.38 11.96
CA VAL A 254 17.61 -6.52 12.87
C VAL A 254 18.83 -7.35 12.52
N ILE A 255 18.99 -7.68 11.24
CA ILE A 255 20.14 -8.45 10.75
C ILE A 255 21.47 -7.78 11.13
N HIS A 256 21.59 -6.49 10.83
CA HIS A 256 22.87 -5.81 11.00
C HIS A 256 23.27 -5.61 12.44
N GLY A 257 22.30 -5.33 13.30
CA GLY A 257 22.57 -5.24 14.73
C GLY A 257 23.04 -6.57 15.30
N ALA A 258 22.45 -7.66 14.83
CA ALA A 258 22.93 -8.98 15.21
C ALA A 258 24.36 -9.14 14.72
N GLN A 259 24.57 -8.87 13.43
CA GLN A 259 25.91 -8.93 12.85
C GLN A 259 26.87 -8.05 13.58
N ASP A 260 26.44 -6.87 13.99
CA ASP A 260 27.30 -5.98 14.79
C ASP A 260 27.63 -6.58 16.16
N ARG A 261 26.72 -7.38 16.71
CA ARG A 261 26.96 -8.01 18.02
C ARG A 261 27.78 -9.29 17.92
N GLY A 262 28.34 -9.55 16.73
CA GLY A 262 29.13 -10.75 16.48
C GLY A 262 28.35 -12.03 16.16
N LEU A 263 27.03 -11.92 16.02
CA LEU A 263 26.16 -13.06 15.70
C LEU A 263 26.05 -13.33 14.21
N ASN A 264 25.99 -14.61 13.84
CA ASN A 264 25.79 -14.97 12.45
C ASN A 264 24.33 -15.12 12.12
N VAL A 265 23.93 -14.54 10.99
CA VAL A 265 22.59 -14.85 10.44
C VAL A 265 22.82 -15.71 9.20
N PRO A 266 22.20 -16.90 9.12
CA PRO A 266 21.16 -17.50 9.97
C PRO A 266 21.61 -18.35 11.14
N ASN A 267 22.92 -18.62 11.27
CA ASN A 267 23.41 -19.67 12.19
C ASN A 267 23.24 -19.43 13.68
N ASP A 268 23.43 -18.18 14.09
CA ASP A 268 23.21 -17.82 15.49
C ASP A 268 21.81 -17.28 15.67
N LEU A 269 21.29 -16.64 14.62
CA LEU A 269 20.00 -16.00 14.68
C LEU A 269 19.32 -16.07 13.33
N GLU A 270 18.12 -16.65 13.30
CA GLU A 270 17.33 -16.65 12.07
C GLU A 270 16.31 -15.53 12.07
N ILE A 271 16.24 -14.83 10.94
CA ILE A 271 15.38 -13.68 10.80
C ILE A 271 14.46 -13.87 9.60
N ILE A 272 13.22 -13.42 9.72
CA ILE A 272 12.26 -13.44 8.62
C ILE A 272 11.56 -12.08 8.58
N GLY A 273 11.32 -11.58 7.37
CA GLY A 273 10.76 -10.24 7.17
C GLY A 273 9.37 -10.28 6.60
N PHE A 274 9.02 -9.27 5.80
CA PHE A 274 7.65 -9.15 5.32
C PHE A 274 7.62 -8.13 4.23
N ASP A 275 6.71 -8.32 3.27
CA ASP A 275 6.51 -7.44 2.09
C ASP A 275 7.42 -7.69 0.91
N ASN A 276 8.50 -8.46 1.12
CA ASN A 276 9.41 -8.83 0.02
C ASN A 276 9.83 -7.63 -0.81
N THR A 277 10.26 -6.57 -0.13
CA THR A 277 10.62 -5.31 -0.77
C THR A 277 11.95 -5.48 -1.47
N ARG A 278 12.36 -4.49 -2.27
CA ARG A 278 13.67 -4.51 -2.92
C ARG A 278 14.77 -4.72 -1.88
N LEU A 279 14.52 -4.23 -0.66
CA LEU A 279 15.53 -4.24 0.38
C LEU A 279 15.87 -5.67 0.79
N SER A 280 14.89 -6.58 0.74
CA SER A 280 15.13 -7.96 1.18
C SER A 280 16.25 -8.66 0.40
N THR A 281 16.48 -8.26 -0.84
CA THR A 281 17.60 -8.79 -1.57
C THR A 281 18.78 -7.82 -1.60
N MET A 282 18.72 -6.78 -0.78
CA MET A 282 19.82 -5.81 -0.67
C MET A 282 20.50 -5.86 0.71
N VAL A 283 20.49 -7.04 1.32
CA VAL A 283 21.23 -7.38 2.53
C VAL A 283 21.89 -8.73 2.35
N ARG A 284 22.90 -8.99 3.17
CA ARG A 284 23.46 -10.33 3.26
C ARG A 284 23.50 -10.78 4.73
N PRO A 285 22.93 -11.95 5.01
CA PRO A 285 22.24 -12.84 4.07
C PRO A 285 20.94 -12.23 3.54
N GLN A 286 20.57 -12.57 2.32
CA GLN A 286 19.32 -12.08 1.77
C GLN A 286 18.18 -12.49 2.70
N LEU A 287 17.15 -11.67 2.76
CA LEU A 287 16.11 -11.75 3.77
C LEU A 287 14.97 -12.64 3.30
N THR A 288 14.68 -13.68 4.08
CA THR A 288 13.50 -14.47 3.90
C THR A 288 12.33 -13.56 4.23
N SER A 289 11.31 -13.53 3.38
CA SER A 289 10.30 -12.49 3.53
C SER A 289 8.99 -12.95 2.94
N VAL A 290 7.91 -12.61 3.62
CA VAL A 290 6.54 -12.90 3.16
C VAL A 290 6.23 -12.06 1.93
N VAL A 291 5.81 -12.73 0.86
CA VAL A 291 5.50 -12.08 -0.39
C VAL A 291 4.00 -11.92 -0.50
N GLN A 292 3.57 -10.69 -0.80
CA GLN A 292 2.19 -10.44 -1.15
C GLN A 292 2.04 -10.47 -2.66
N PRO A 293 0.88 -10.91 -3.16
CA PRO A 293 0.72 -10.81 -4.59
C PRO A 293 0.08 -9.45 -4.92
N MET A 294 0.94 -8.43 -4.95
CA MET A 294 0.51 -7.04 -5.16
C MET A 294 -0.26 -6.83 -6.46
N TYR A 295 0.13 -7.54 -7.52
CA TYR A 295 -0.52 -7.39 -8.82
C TYR A 295 -1.94 -7.91 -8.73
N ASP A 296 -2.09 -9.06 -8.10
CA ASP A 296 -3.42 -9.64 -7.91
C ASP A 296 -4.27 -8.79 -7.00
N ILE A 297 -3.70 -8.26 -5.91
CA ILE A 297 -4.47 -7.42 -4.98
C ILE A 297 -5.02 -6.22 -5.74
N GLY A 298 -4.22 -5.68 -6.65
CA GLY A 298 -4.64 -4.54 -7.45
C GLY A 298 -5.75 -4.96 -8.38
N ALA A 299 -5.51 -6.05 -9.10
CA ALA A 299 -6.48 -6.56 -10.06
C ALA A 299 -7.82 -6.82 -9.37
N VAL A 300 -7.80 -7.61 -8.28
CA VAL A 300 -9.01 -8.01 -7.57
C VAL A 300 -9.73 -6.79 -6.96
N ALA A 301 -8.95 -5.87 -6.39
CA ALA A 301 -9.47 -4.60 -5.90
C ALA A 301 -10.28 -3.91 -6.99
N MET A 302 -9.73 -3.87 -8.19
CA MET A 302 -10.36 -3.20 -9.32
C MET A 302 -11.66 -3.90 -9.71
N ARG A 303 -11.68 -5.23 -9.61
CA ARG A 303 -12.85 -6.02 -9.94
C ARG A 303 -13.92 -5.84 -8.88
N LEU A 304 -13.50 -5.89 -7.62
CA LEU A 304 -14.40 -5.70 -6.48
C LEU A 304 -15.04 -4.32 -6.55
N LEU A 305 -14.21 -3.30 -6.77
CA LEU A 305 -14.71 -1.95 -6.98
C LEU A 305 -15.75 -1.90 -8.10
N THR A 306 -15.46 -2.58 -9.22
CA THR A 306 -16.37 -2.63 -10.36
C THR A 306 -17.71 -3.23 -9.98
N LYS A 307 -17.66 -4.37 -9.27
CA LYS A 307 -18.86 -5.06 -8.78
C LYS A 307 -19.79 -4.11 -8.04
N TYR A 308 -19.23 -3.30 -7.14
CA TYR A 308 -20.01 -2.32 -6.39
C TYR A 308 -20.55 -1.24 -7.32
N MET A 309 -19.66 -0.70 -8.16
CA MET A 309 -20.03 0.32 -9.14
C MET A 309 -21.15 -0.13 -10.07
N ASN A 310 -21.16 -1.41 -10.42
CA ASN A 310 -22.19 -2.02 -11.26
C ASN A 310 -23.43 -2.47 -10.46
N LYS A 311 -23.43 -2.18 -9.16
CA LYS A 311 -24.55 -2.50 -8.25
C LYS A 311 -24.79 -4.01 -8.11
N GLU A 312 -23.73 -4.78 -8.34
CA GLU A 312 -23.80 -6.25 -8.31
C GLU A 312 -23.69 -6.78 -6.90
N THR A 313 -24.37 -7.90 -6.63
CA THR A 313 -24.33 -8.54 -5.32
C THR A 313 -22.94 -9.15 -5.14
N VAL A 314 -22.21 -8.61 -4.18
CA VAL A 314 -20.82 -8.94 -3.98
C VAL A 314 -20.64 -10.30 -3.30
N ASP A 315 -21.31 -10.49 -2.16
CA ASP A 315 -21.11 -11.64 -1.26
C ASP A 315 -19.65 -11.72 -0.82
N SER A 316 -19.38 -11.28 0.41
CA SER A 316 -18.01 -11.15 0.96
C SER A 316 -17.27 -9.89 0.48
N SER A 317 -17.11 -8.94 1.41
CA SER A 317 -16.56 -7.61 1.15
C SER A 317 -15.10 -7.55 1.55
N ILE A 318 -14.70 -8.52 2.37
CA ILE A 318 -13.32 -8.65 2.84
C ILE A 318 -12.69 -9.84 2.10
N VAL A 319 -11.90 -9.55 1.07
CA VAL A 319 -11.26 -10.58 0.25
C VAL A 319 -9.81 -10.80 0.65
N GLU A 320 -9.45 -12.06 0.86
CA GLU A 320 -8.11 -12.43 1.30
C GLU A 320 -7.45 -13.36 0.29
N LEU A 321 -6.31 -12.92 -0.22
CA LEU A 321 -5.58 -13.67 -1.23
C LEU A 321 -4.41 -14.42 -0.60
N PRO A 322 -4.00 -15.55 -1.21
CA PRO A 322 -2.85 -16.27 -0.69
C PRO A 322 -1.59 -15.41 -0.74
N HIS A 323 -0.76 -15.60 0.28
CA HIS A 323 0.53 -15.01 0.34
C HIS A 323 1.50 -16.17 0.20
N ARG A 324 2.79 -15.89 0.12
CA ARG A 324 3.79 -16.96 0.16
C ARG A 324 5.03 -16.45 0.86
N ILE A 325 6.05 -17.29 0.97
CA ILE A 325 7.26 -16.92 1.66
C ILE A 325 8.40 -17.16 0.68
N GLU A 326 9.19 -16.13 0.45
CA GLU A 326 10.37 -16.32 -0.33
C GLU A 326 11.45 -16.68 0.67
N PHE A 327 11.80 -17.96 0.72
CA PHE A 327 12.84 -18.40 1.62
C PHE A 327 14.20 -18.11 1.03
N ARG A 328 14.93 -17.24 1.72
CA ARG A 328 16.25 -16.86 1.27
C ARG A 328 17.28 -17.32 2.32
N GLN A 329 18.33 -16.55 2.55
CA GLN A 329 19.43 -17.04 3.36
C GLN A 329 19.38 -16.59 4.84
N SER A 330 18.42 -15.74 5.20
CA SER A 330 18.35 -15.22 6.59
C SER A 330 17.69 -16.24 7.52
N THR A 331 17.05 -17.23 6.91
CA THR A 331 16.67 -18.45 7.58
C THR A 331 17.59 -19.52 7.02
N LYS A 332 17.73 -20.63 7.73
CA LYS A 332 18.79 -21.61 7.41
C LYS A 332 18.47 -22.47 6.19
CA CA B . 21.81 -0.80 25.25
#